data_3WAZ
#
_entry.id   3WAZ
#
_cell.length_a   104.508
_cell.length_b   151.402
_cell.length_c   187.697
_cell.angle_alpha   90.000
_cell.angle_beta   90.000
_cell.angle_gamma   90.000
#
_symmetry.space_group_name_H-M   'I 2 2 2'
#
loop_
_entity.id
_entity.type
_entity.pdbx_description
1 polymer 'Putative uncharacterized protein'
2 polymer "DNA (5'-D(*GP*CP*AP*TP*AP*GP*CP*TP*GP*TP*(ORP)P*CP*AP*GP*CP*TP*AP*TP*GP*C)-3')"
3 non-polymer ADENINE
#
loop_
_entity_poly.entity_id
_entity_poly.type
_entity_poly.pdbx_seq_one_letter_code
_entity_poly.pdbx_strand_id
1 'polypeptide(L)'
;MEASVSFENGKIVVRLPITRPTSKIRVKKIENGVGIPVSTRKKSFPSDENLRDYYIEWQISYARDGKYDYELSRMVRLAH
EHGILTYNDIYELLKFADDVKSYLEDKGIRRESTNEELYGFNIYEDVYPVAKKELPSGEFIGIVLKHAQRAVGYQSMVYV
CIPLTNVEPSLAGRVARRNEVVKYEVPVDLMKELLKAFIIASETHKNDIVKFLRSIIGTS
;
A,B
2 'polydeoxyribonucleotide'
;(DG)(DC)(DA)(DT)(DA)(DG)(DC)(DT)(DG)(DT)(ORP)(DC)(DA)(DG)(DC)(DT)(DA)(DT)(DG)
(DC)
;
C,D
#
loop_
_chem_comp.id
_chem_comp.type
_chem_comp.name
_chem_comp.formula
ADE non-polymer ADENINE 'C5 H5 N5'
DA DNA linking 2'-DEOXYADENOSINE-5'-MONOPHOSPHATE 'C10 H14 N5 O6 P'
DC DNA linking 2'-DEOXYCYTIDINE-5'-MONOPHOSPHATE 'C9 H14 N3 O7 P'
DG DNA linking 2'-DEOXYGUANOSINE-5'-MONOPHOSPHATE 'C10 H14 N5 O7 P'
DT DNA linking THYMIDINE-5'-MONOPHOSPHATE 'C10 H15 N2 O8 P'
ORP saccharide 2-DEOXY-5-PHOSPHONO-RIBOSE 'C5 H11 O7 P'
#
# COMPACT_ATOMS: atom_id res chain seq x y z
N GLU A 2 1.13 9.79 20.83
CA GLU A 2 2.17 10.65 21.39
C GLU A 2 1.99 12.09 20.89
N ALA A 3 0.83 12.35 20.30
CA ALA A 3 0.52 13.68 19.81
C ALA A 3 -0.22 14.47 20.89
N SER A 4 0.45 15.48 21.45
CA SER A 4 -0.11 16.27 22.53
C SER A 4 -0.72 17.58 22.04
N VAL A 5 -2.03 17.71 22.21
CA VAL A 5 -2.74 18.91 21.82
C VAL A 5 -3.03 19.81 23.02
N SER A 6 -2.51 21.03 22.96
CA SER A 6 -2.75 22.00 24.03
C SER A 6 -3.16 23.36 23.47
N PHE A 7 -3.41 24.30 24.37
CA PHE A 7 -3.81 25.66 23.98
C PHE A 7 -2.91 26.68 24.66
N GLU A 8 -2.02 27.30 23.89
CA GLU A 8 -1.03 28.22 24.45
C GLU A 8 -1.02 29.54 23.70
N ASN A 9 -1.14 30.63 24.44
CA ASN A 9 -1.11 31.99 23.89
C ASN A 9 -2.12 32.23 22.76
N GLY A 10 -3.35 31.80 22.98
CA GLY A 10 -4.42 32.01 22.02
C GLY A 10 -4.30 31.16 20.76
N LYS A 11 -3.49 30.12 20.84
CA LYS A 11 -3.27 29.24 19.70
C LYS A 11 -3.50 27.78 20.07
N ILE A 12 -4.00 27.01 19.10
CA ILE A 12 -4.06 25.57 19.26
C ILE A 12 -2.69 25.00 18.94
N VAL A 13 -2.05 24.41 19.94
CA VAL A 13 -0.68 23.93 19.78
C VAL A 13 -0.62 22.40 19.79
N VAL A 14 0.15 21.84 18.87
CA VAL A 14 0.36 20.40 18.80
C VAL A 14 1.85 20.07 18.85
N ARG A 15 2.20 19.06 19.63
CA ARG A 15 3.58 18.62 19.72
C ARG A 15 3.76 17.25 19.07
N LEU A 16 4.59 17.21 18.03
CA LEU A 16 4.71 16.03 17.17
C LEU A 16 6.07 15.35 17.27
N PRO A 17 6.09 14.04 17.52
CA PRO A 17 7.32 13.25 17.52
C PRO A 17 7.84 13.03 16.10
N ILE A 18 9.12 13.29 15.89
CA ILE A 18 9.71 13.18 14.55
C ILE A 18 10.74 12.06 14.45
N THR A 19 10.63 11.07 15.34
CA THR A 19 11.57 9.96 15.35
C THR A 19 10.86 8.60 15.34
N ARG A 20 9.61 8.59 14.91
CA ARG A 20 8.86 7.34 14.79
C ARG A 20 8.37 7.14 13.36
N PRO A 21 9.26 6.61 12.50
CA PRO A 21 9.04 6.46 11.05
C PRO A 21 7.92 5.48 10.71
N THR A 22 7.49 4.68 11.69
CA THR A 22 6.45 3.69 11.46
C THR A 22 5.18 3.98 12.24
N SER A 23 5.12 5.17 12.84
CA SER A 23 3.92 5.61 13.54
C SER A 23 2.97 6.28 12.55
N LYS A 24 1.97 6.99 13.05
CA LYS A 24 1.06 7.73 12.19
C LYS A 24 1.61 9.11 11.89
N ILE A 25 2.75 9.42 12.50
CA ILE A 25 3.43 10.69 12.28
C ILE A 25 4.82 10.42 11.71
N ARG A 26 4.97 10.60 10.40
CA ARG A 26 6.20 10.24 9.72
C ARG A 26 6.83 11.44 8.99
N VAL A 27 8.14 11.60 9.17
CA VAL A 27 8.87 12.63 8.44
C VAL A 27 9.25 12.12 7.07
N LYS A 28 8.80 12.82 6.03
CA LYS A 28 9.08 12.41 4.66
C LYS A 28 9.63 13.55 3.81
N LYS A 29 10.59 13.23 2.95
CA LYS A 29 11.11 14.18 1.99
C LYS A 29 10.23 14.12 0.74
N ILE A 30 9.34 15.10 0.60
CA ILE A 30 8.40 15.10 -0.51
C ILE A 30 8.94 15.82 -1.74
N GLU A 31 9.55 15.06 -2.64
CA GLU A 31 10.02 15.58 -3.91
C GLU A 31 9.29 14.85 -5.04
N ASN A 32 9.11 15.52 -6.16
CA ASN A 32 8.37 14.98 -7.30
C ASN A 32 6.91 14.64 -6.99
N GLY A 33 6.45 15.07 -5.81
CA GLY A 33 5.09 14.82 -5.38
C GLY A 33 4.97 13.62 -4.46
N VAL A 34 5.93 12.71 -4.55
CA VAL A 34 5.90 11.47 -3.77
C VAL A 34 6.74 11.56 -2.50
N GLY A 35 6.16 11.13 -1.38
CA GLY A 35 6.84 11.16 -0.10
C GLY A 35 7.87 10.05 0.06
N ILE A 36 9.08 10.44 0.44
CA ILE A 36 10.18 9.49 0.66
C ILE A 36 10.64 9.54 2.11
N PRO A 37 10.70 8.37 2.77
CA PRO A 37 11.12 8.23 4.17
C PRO A 37 12.45 8.91 4.49
N VAL A 38 12.58 9.38 5.73
CA VAL A 38 13.79 10.05 6.18
C VAL A 38 14.27 9.47 7.52
N SER A 39 15.56 9.12 7.57
CA SER A 39 16.16 8.67 8.82
C SER A 39 16.60 9.86 9.65
N THR A 40 15.65 10.40 10.42
CA THR A 40 15.84 11.64 11.17
C THR A 40 16.99 11.56 12.18
N ARG A 41 17.32 10.35 12.63
CA ARG A 41 18.36 10.18 13.63
C ARG A 41 19.73 9.93 13.02
N LYS A 42 19.80 9.77 11.70
CA LYS A 42 21.05 9.48 11.03
C LYS A 42 21.43 10.52 9.97
N LYS A 43 20.41 11.08 9.31
CA LYS A 43 20.64 12.07 8.27
C LYS A 43 20.37 13.49 8.75
N SER A 44 21.43 14.30 8.77
CA SER A 44 21.30 15.69 9.19
C SER A 44 20.52 16.50 8.15
N PHE A 45 19.53 17.24 8.62
CA PHE A 45 18.70 18.06 7.73
C PHE A 45 19.51 19.19 7.09
N PRO A 46 19.13 19.61 5.88
CA PRO A 46 19.83 20.69 5.20
C PRO A 46 19.70 22.02 5.95
N SER A 47 20.68 22.90 5.77
CA SER A 47 20.68 24.20 6.43
C SER A 47 20.20 25.30 5.48
N ASP A 48 20.10 24.95 4.20
CA ASP A 48 19.73 25.91 3.17
C ASP A 48 18.22 26.19 3.19
N GLU A 49 17.72 26.68 2.07
CA GLU A 49 16.29 26.83 1.86
C GLU A 49 15.70 25.50 1.45
N ASN A 50 16.57 24.49 1.31
CA ASN A 50 16.17 23.14 0.93
C ASN A 50 15.40 22.38 2.00
N LEU A 51 15.04 23.06 3.09
CA LEU A 51 14.27 22.45 4.15
C LEU A 51 12.79 22.42 3.76
N ARG A 52 12.47 23.07 2.64
CA ARG A 52 11.11 23.14 2.14
C ARG A 52 10.64 21.80 1.56
N ASP A 53 11.60 20.91 1.28
CA ASP A 53 11.28 19.61 0.70
C ASP A 53 10.94 18.59 1.77
N TYR A 54 10.97 19.01 3.03
CA TYR A 54 10.78 18.09 4.15
C TYR A 54 9.47 18.35 4.89
N TYR A 55 8.59 17.36 4.85
CA TYR A 55 7.27 17.47 5.47
C TYR A 55 7.07 16.44 6.57
N ILE A 56 6.09 16.71 7.43
CA ILE A 56 5.66 15.75 8.44
C ILE A 56 4.32 15.15 8.03
N GLU A 57 4.32 13.88 7.66
CA GLU A 57 3.09 13.20 7.26
C GLU A 57 2.34 12.67 8.48
N TRP A 58 1.17 13.24 8.72
CA TRP A 58 0.38 12.89 9.90
C TRP A 58 -0.99 12.35 9.50
N GLN A 59 -1.20 11.05 9.70
CA GLN A 59 -2.51 10.47 9.51
C GLN A 59 -3.33 10.75 10.76
N ILE A 60 -3.90 11.95 10.81
CA ILE A 60 -4.52 12.48 12.01
C ILE A 60 -5.75 11.69 12.46
N SER A 61 -5.92 11.60 13.76
CA SER A 61 -7.05 10.89 14.36
C SER A 61 -8.14 11.88 14.76
N TYR A 62 -9.34 11.37 15.01
CA TYR A 62 -10.42 12.21 15.50
C TYR A 62 -11.41 11.46 16.40
N ALA A 63 -11.29 10.13 16.43
CA ALA A 63 -12.20 9.31 17.22
C ALA A 63 -11.46 8.37 18.17
N ARG A 64 -11.93 8.32 19.41
CA ARG A 64 -11.39 7.40 20.40
C ARG A 64 -12.48 7.06 21.41
N ASP A 65 -12.65 5.77 21.67
CA ASP A 65 -13.73 5.27 22.53
C ASP A 65 -15.10 5.67 22.00
N GLY A 66 -15.17 5.96 20.70
CA GLY A 66 -16.39 6.43 20.08
C GLY A 66 -16.93 7.68 20.75
N LYS A 67 -16.05 8.63 21.03
CA LYS A 67 -16.41 9.80 21.81
C LYS A 67 -16.09 11.12 21.09
N TYR A 68 -15.24 11.04 20.08
CA TYR A 68 -14.83 12.21 19.30
C TYR A 68 -14.19 13.30 20.16
N ASP A 69 -13.20 12.91 20.95
CA ASP A 69 -12.42 13.88 21.72
C ASP A 69 -10.96 13.48 21.70
N TYR A 70 -10.43 13.32 20.48
CA TYR A 70 -9.09 12.82 20.27
C TYR A 70 -8.45 13.56 19.10
N GLU A 71 -7.29 14.17 19.35
CA GLU A 71 -6.55 14.90 18.32
C GLU A 71 -7.37 15.97 17.61
N LEU A 72 -7.72 15.72 16.35
CA LEU A 72 -8.47 16.68 15.54
C LEU A 72 -9.75 17.14 16.21
N SER A 73 -10.51 16.19 16.75
CA SER A 73 -11.76 16.50 17.42
C SER A 73 -11.54 17.39 18.64
N ARG A 74 -10.45 17.13 19.36
CA ARG A 74 -10.09 17.96 20.52
C ARG A 74 -9.66 19.36 20.08
N MET A 75 -8.87 19.41 19.02
CA MET A 75 -8.41 20.68 18.45
C MET A 75 -9.59 21.55 18.05
N VAL A 76 -10.58 20.94 17.41
CA VAL A 76 -11.79 21.63 17.01
C VAL A 76 -12.58 22.10 18.23
N ARG A 77 -12.76 21.20 19.20
CA ARG A 77 -13.45 21.52 20.44
C ARG A 77 -12.77 22.67 21.17
N LEU A 78 -11.46 22.59 21.27
CA LEU A 78 -10.66 23.62 21.95
C LEU A 78 -10.77 24.95 21.20
N ALA A 79 -10.77 24.88 19.88
CA ALA A 79 -10.93 26.07 19.05
C ALA A 79 -12.31 26.68 19.23
N HIS A 80 -13.30 25.82 19.39
CA HIS A 80 -14.68 26.27 19.58
C HIS A 80 -14.87 26.89 20.96
N GLU A 81 -14.21 26.30 21.96
CA GLU A 81 -14.32 26.76 23.34
C GLU A 81 -13.78 28.18 23.51
N HIS A 82 -12.73 28.51 22.75
CA HIS A 82 -12.08 29.81 22.89
C HIS A 82 -12.57 30.84 21.88
N GLY A 83 -13.56 30.48 21.08
CA GLY A 83 -14.17 31.40 20.14
C GLY A 83 -13.37 31.65 18.87
N ILE A 84 -12.41 30.79 18.59
CA ILE A 84 -11.64 30.89 17.36
C ILE A 84 -12.45 30.29 16.21
N LEU A 85 -12.98 29.09 16.43
CA LEU A 85 -13.92 28.48 15.51
C LEU A 85 -15.33 28.86 15.93
N THR A 86 -16.05 29.55 15.06
CA THR A 86 -17.35 30.12 15.44
C THR A 86 -18.53 29.28 14.96
N TYR A 87 -19.73 29.73 15.31
CA TYR A 87 -20.96 29.07 14.89
C TYR A 87 -21.10 29.04 13.37
N ASN A 88 -20.89 30.20 12.75
CA ASN A 88 -20.98 30.33 11.31
C ASN A 88 -19.95 29.46 10.58
N ASP A 89 -18.78 29.32 11.20
CA ASP A 89 -17.73 28.47 10.65
C ASP A 89 -18.20 27.03 10.55
N ILE A 90 -18.82 26.54 11.63
CA ILE A 90 -19.34 25.18 11.66
C ILE A 90 -20.57 25.06 10.77
N TYR A 91 -21.39 26.12 10.75
CA TYR A 91 -22.59 26.14 9.93
C TYR A 91 -22.24 26.03 8.44
N GLU A 92 -21.14 26.68 8.06
CA GLU A 92 -20.63 26.57 6.69
C GLU A 92 -20.27 25.12 6.35
N LEU A 93 -19.52 24.49 7.26
CA LEU A 93 -19.08 23.12 7.07
C LEU A 93 -20.25 22.15 6.92
N LEU A 94 -21.27 22.32 7.76
CA LEU A 94 -22.46 21.49 7.70
C LEU A 94 -23.23 21.74 6.41
N LYS A 95 -23.30 22.99 5.98
CA LYS A 95 -23.93 23.33 4.71
C LYS A 95 -23.13 22.74 3.56
N PHE A 96 -21.80 22.74 3.72
CA PHE A 96 -20.91 22.18 2.71
C PHE A 96 -21.10 20.67 2.58
N ALA A 97 -21.19 19.99 3.72
CA ALA A 97 -21.37 18.54 3.75
C ALA A 97 -22.75 18.14 3.23
N ASP A 98 -23.70 19.07 3.34
CA ASP A 98 -25.08 18.81 2.93
C ASP A 98 -25.18 18.65 1.41
N ASP A 99 -24.21 19.21 0.69
CA ASP A 99 -24.22 19.18 -0.77
C ASP A 99 -23.29 18.13 -1.35
N VAL A 100 -22.60 17.39 -0.49
CA VAL A 100 -21.66 16.37 -0.95
C VAL A 100 -22.38 15.09 -1.36
N LYS A 101 -22.14 14.66 -2.60
CA LYS A 101 -22.79 13.47 -3.14
C LYS A 101 -21.78 12.43 -3.61
N SER A 102 -20.55 12.88 -3.87
CA SER A 102 -19.49 11.98 -4.29
C SER A 102 -18.29 12.02 -3.35
N TYR A 103 -17.51 10.96 -3.34
CA TYR A 103 -16.37 10.85 -2.43
C TYR A 103 -15.16 10.28 -3.17
N LEU A 104 -13.97 10.48 -2.61
CA LEU A 104 -12.75 9.94 -3.21
C LEU A 104 -12.80 8.42 -3.24
N GLU A 105 -13.42 7.83 -2.22
CA GLU A 105 -13.52 6.39 -2.10
C GLU A 105 -14.31 5.79 -3.27
N ASP A 106 -15.17 6.60 -3.88
CA ASP A 106 -15.93 6.18 -5.04
C ASP A 106 -15.05 5.99 -6.26
N LYS A 107 -13.96 6.77 -6.34
CA LYS A 107 -13.02 6.65 -7.43
C LYS A 107 -12.31 5.30 -7.40
N GLY A 108 -12.01 4.76 -8.57
CA GLY A 108 -11.48 3.41 -8.66
C GLY A 108 -9.99 3.30 -8.94
N ILE A 109 -9.41 2.20 -8.49
CA ILE A 109 -8.03 1.87 -8.80
C ILE A 109 -7.99 1.18 -10.14
N ARG A 110 -6.97 1.48 -10.94
CA ARG A 110 -6.85 0.85 -12.25
C ARG A 110 -5.41 0.51 -12.60
N ARG A 111 -5.23 -0.54 -13.39
CA ARG A 111 -3.91 -0.96 -13.84
C ARG A 111 -3.77 -0.71 -15.34
N GLU A 112 -2.97 0.28 -15.70
CA GLU A 112 -2.81 0.66 -17.10
C GLU A 112 -1.58 0.02 -17.74
N SER A 113 -1.68 -0.25 -19.04
CA SER A 113 -0.61 -0.89 -19.78
C SER A 113 0.32 0.13 -20.42
N THR A 114 1.56 -0.29 -20.67
CA THR A 114 2.53 0.52 -21.39
C THR A 114 3.15 -0.30 -22.51
N ASN A 115 3.98 0.33 -23.32
CA ASN A 115 4.67 -0.38 -24.40
C ASN A 115 6.09 -0.77 -23.99
N GLU A 116 6.42 -0.52 -22.73
CA GLU A 116 7.74 -0.86 -22.20
C GLU A 116 7.78 -2.30 -21.74
N GLU A 117 8.95 -2.92 -21.84
CA GLU A 117 9.17 -4.26 -21.30
C GLU A 117 10.38 -4.26 -20.39
N LEU A 118 10.54 -5.33 -19.62
CA LEU A 118 11.68 -5.50 -18.73
C LEU A 118 12.10 -6.95 -18.66
N TYR A 119 13.02 -7.34 -19.54
CA TYR A 119 13.51 -8.71 -19.62
C TYR A 119 12.39 -9.73 -19.80
N GLY A 120 11.54 -9.50 -20.79
CA GLY A 120 10.45 -10.41 -21.09
C GLY A 120 9.15 -10.05 -20.41
N PHE A 121 9.25 -9.40 -19.25
CA PHE A 121 8.08 -8.99 -18.49
C PHE A 121 7.49 -7.70 -19.02
N ASN A 122 6.16 -7.66 -19.16
CA ASN A 122 5.48 -6.45 -19.60
C ASN A 122 5.31 -5.47 -18.46
N ILE A 123 5.45 -4.18 -18.77
CA ILE A 123 5.35 -3.13 -17.76
C ILE A 123 3.95 -2.54 -17.68
N TYR A 124 3.40 -2.50 -16.47
CA TYR A 124 2.11 -1.89 -16.23
C TYR A 124 2.23 -0.80 -15.17
N GLU A 125 1.14 -0.07 -14.95
CA GLU A 125 1.10 0.98 -13.95
C GLU A 125 -0.15 0.87 -13.09
N ASP A 126 0.04 0.68 -11.78
CA ASP A 126 -1.08 0.73 -10.84
C ASP A 126 -1.37 2.17 -10.47
N VAL A 127 -2.60 2.60 -10.69
CA VAL A 127 -2.98 4.00 -10.50
C VAL A 127 -3.97 4.18 -9.36
N TYR A 128 -3.54 4.89 -8.32
CA TYR A 128 -4.37 5.16 -7.16
C TYR A 128 -4.77 6.63 -7.10
N PRO A 129 -6.08 6.89 -6.93
CA PRO A 129 -6.63 8.25 -6.93
C PRO A 129 -6.24 9.03 -5.67
N VAL A 130 -6.03 10.34 -5.83
CA VAL A 130 -5.62 11.20 -4.73
C VAL A 130 -6.36 12.54 -4.78
N ALA A 131 -6.91 12.96 -3.65
CA ALA A 131 -7.48 14.30 -3.52
C ALA A 131 -6.57 15.14 -2.64
N LYS A 132 -6.25 16.35 -3.09
CA LYS A 132 -5.26 17.18 -2.40
C LYS A 132 -5.58 18.68 -2.45
N LYS A 133 -5.52 19.32 -1.29
CA LYS A 133 -5.66 20.76 -1.20
C LYS A 133 -4.45 21.35 -0.49
N GLU A 134 -3.93 22.46 -1.01
CA GLU A 134 -2.76 23.12 -0.43
C GLU A 134 -3.13 24.45 0.20
N LEU A 135 -2.57 24.72 1.37
CA LEU A 135 -2.80 25.97 2.07
C LEU A 135 -1.64 26.94 1.82
N PRO A 136 -1.94 28.25 1.79
CA PRO A 136 -0.91 29.26 1.47
C PRO A 136 0.23 29.30 2.48
N SER A 137 -0.03 28.86 3.70
CA SER A 137 0.98 28.87 4.75
C SER A 137 2.02 27.76 4.57
N GLY A 138 1.74 26.83 3.65
CA GLY A 138 2.68 25.78 3.33
C GLY A 138 2.12 24.38 3.44
N GLU A 139 1.24 24.18 4.43
CA GLU A 139 0.66 22.87 4.68
C GLU A 139 -0.25 22.44 3.54
N PHE A 140 -0.30 21.15 3.29
CA PHE A 140 -1.29 20.60 2.37
C PHE A 140 -1.96 19.35 2.95
N ILE A 141 -3.17 19.08 2.49
CA ILE A 141 -3.93 17.93 2.96
C ILE A 141 -4.14 16.93 1.85
N GLY A 142 -3.73 15.69 2.08
CA GLY A 142 -3.85 14.65 1.09
C GLY A 142 -4.87 13.59 1.47
N ILE A 143 -5.74 13.25 0.53
CA ILE A 143 -6.67 12.14 0.69
C ILE A 143 -6.29 11.06 -0.30
N VAL A 144 -5.74 9.97 0.20
CA VAL A 144 -5.19 8.91 -0.66
C VAL A 144 -5.93 7.60 -0.50
N LEU A 145 -6.34 7.01 -1.63
CA LEU A 145 -6.95 5.69 -1.62
C LEU A 145 -5.88 4.62 -1.64
N LYS A 146 -5.80 3.84 -0.56
CA LYS A 146 -4.85 2.73 -0.49
C LYS A 146 -5.39 1.64 0.42
N HIS A 147 -4.69 0.51 0.44
CA HIS A 147 -5.13 -0.64 1.22
C HIS A 147 -5.01 -0.37 2.72
N ALA A 148 -5.98 -0.89 3.47
CA ALA A 148 -5.95 -0.77 4.93
C ALA A 148 -4.73 -1.49 5.47
N GLN A 149 -4.16 -0.96 6.55
CA GLN A 149 -2.96 -1.52 7.14
C GLN A 149 -3.18 -2.94 7.66
N ARG A 150 -4.30 -3.14 8.36
CA ARG A 150 -4.58 -4.43 8.97
C ARG A 150 -5.84 -5.09 8.42
N ALA A 151 -6.82 -4.29 8.02
CA ALA A 151 -8.09 -4.83 7.55
C ALA A 151 -8.04 -5.30 6.09
N VAL A 152 -9.21 -5.54 5.53
CA VAL A 152 -9.34 -5.99 4.15
C VAL A 152 -9.95 -4.92 3.27
N GLY A 153 -9.26 -4.58 2.18
CA GLY A 153 -9.80 -3.64 1.22
C GLY A 153 -9.13 -2.28 1.24
N TYR A 154 -9.65 -1.36 0.42
CA TYR A 154 -9.05 -0.04 0.27
C TYR A 154 -9.91 1.04 0.91
N GLN A 155 -9.24 1.99 1.58
CA GLN A 155 -9.94 3.09 2.23
C GLN A 155 -9.33 4.42 1.82
N SER A 156 -10.06 5.50 2.07
CA SER A 156 -9.53 6.84 1.89
C SER A 156 -8.71 7.22 3.11
N MET A 157 -7.42 7.47 2.91
CA MET A 157 -6.54 7.86 4.00
C MET A 157 -6.32 9.37 3.97
N VAL A 158 -6.49 10.02 5.12
CA VAL A 158 -6.32 11.46 5.21
C VAL A 158 -5.01 11.81 5.92
N TYR A 159 -4.14 12.53 5.24
CA TYR A 159 -2.86 12.94 5.81
C TYR A 159 -2.75 14.45 5.90
N VAL A 160 -2.29 14.94 7.04
CA VAL A 160 -1.92 16.35 7.20
C VAL A 160 -0.42 16.46 7.00
N CYS A 161 -0.01 17.20 5.99
CA CYS A 161 1.42 17.34 5.70
C CYS A 161 1.93 18.73 6.08
N ILE A 162 2.86 18.75 7.03
CA ILE A 162 3.40 19.99 7.56
C ILE A 162 4.88 20.14 7.26
N PRO A 163 5.26 21.21 6.55
CA PRO A 163 6.66 21.48 6.23
C PRO A 163 7.45 21.83 7.49
N LEU A 164 8.69 21.35 7.57
CA LEU A 164 9.53 21.56 8.76
C LEU A 164 9.93 23.01 8.97
N THR A 165 9.62 23.87 8.01
CA THR A 165 9.88 25.30 8.13
C THR A 165 8.76 25.98 8.91
N ASN A 166 7.69 25.24 9.19
CA ASN A 166 6.55 25.76 9.91
C ASN A 166 6.53 25.38 11.39
N VAL A 167 7.43 24.48 11.77
CA VAL A 167 7.52 24.04 13.16
C VAL A 167 8.76 24.59 13.84
N GLU A 168 8.78 24.52 15.17
CA GLU A 168 9.96 24.91 15.94
C GLU A 168 10.25 23.87 17.01
N PRO A 169 11.54 23.66 17.34
CA PRO A 169 12.73 24.39 16.89
C PRO A 169 13.11 24.10 15.45
N SER A 170 14.01 24.90 14.90
CA SER A 170 14.51 24.70 13.55
C SER A 170 15.43 23.47 13.50
N LEU A 171 15.06 22.50 12.68
CA LEU A 171 15.81 21.26 12.55
C LEU A 171 16.97 21.41 11.58
N ALA A 172 17.12 22.61 11.01
CA ALA A 172 18.12 22.87 9.98
C ALA A 172 19.55 22.66 10.48
N GLY A 173 20.37 22.06 9.63
CA GLY A 173 21.79 21.93 9.90
C GLY A 173 22.19 20.77 10.79
N ARG A 174 21.22 20.14 11.45
CA ARG A 174 21.55 19.06 12.38
C ARG A 174 20.62 17.85 12.31
N VAL A 175 20.80 16.96 13.28
CA VAL A 175 20.11 15.68 13.32
C VAL A 175 19.07 15.68 14.43
N ALA A 176 17.97 14.97 14.22
CA ALA A 176 16.95 14.86 15.25
C ALA A 176 17.51 14.14 16.48
N ARG A 177 17.18 14.64 17.66
CA ARG A 177 17.67 14.06 18.90
C ARG A 177 16.82 12.86 19.28
N ARG A 178 17.26 12.14 20.31
CA ARG A 178 16.52 10.98 20.81
C ARG A 178 15.13 11.41 21.28
N ASN A 179 14.10 10.82 20.69
CA ASN A 179 12.71 11.14 21.02
C ASN A 179 12.38 12.63 20.89
N GLU A 180 12.98 13.30 19.91
CA GLU A 180 12.73 14.72 19.73
C GLU A 180 11.30 15.01 19.31
N VAL A 181 10.73 16.07 19.88
CA VAL A 181 9.36 16.49 19.58
C VAL A 181 9.34 17.96 19.17
N VAL A 182 8.68 18.24 18.04
CA VAL A 182 8.59 19.61 17.55
C VAL A 182 7.23 20.24 17.89
N LYS A 183 7.22 21.55 18.02
CA LYS A 183 6.01 22.29 18.36
C LYS A 183 5.43 22.97 17.12
N TYR A 184 4.11 22.88 16.97
CA TYR A 184 3.46 23.43 15.78
C TYR A 184 2.14 24.14 16.12
N GLU A 185 2.09 25.43 15.84
CA GLU A 185 0.87 26.21 16.02
C GLU A 185 -0.09 25.92 14.88
N VAL A 186 -1.25 25.36 15.21
CA VAL A 186 -2.21 24.99 14.20
C VAL A 186 -3.14 26.14 13.83
N PRO A 187 -3.09 26.58 12.56
CA PRO A 187 -4.03 27.59 12.07
C PRO A 187 -5.44 27.01 12.00
N VAL A 188 -6.44 27.85 12.25
CA VAL A 188 -7.82 27.38 12.27
C VAL A 188 -8.31 26.97 10.88
N ASP A 189 -7.73 27.58 9.85
CA ASP A 189 -8.10 27.26 8.47
C ASP A 189 -7.70 25.83 8.12
N LEU A 190 -6.66 25.34 8.76
CA LEU A 190 -6.19 23.97 8.52
C LEU A 190 -7.20 22.96 9.05
N MET A 191 -7.86 23.31 10.14
CA MET A 191 -8.88 22.45 10.74
C MET A 191 -10.10 22.33 9.84
N LYS A 192 -10.55 23.46 9.31
CA LYS A 192 -11.73 23.49 8.46
C LYS A 192 -11.53 22.65 7.20
N GLU A 193 -10.37 22.81 6.58
CA GLU A 193 -10.06 22.06 5.37
C GLU A 193 -9.87 20.59 5.68
N LEU A 194 -9.40 20.29 6.89
CA LEU A 194 -9.27 18.91 7.34
C LEU A 194 -10.65 18.28 7.48
N LEU A 195 -11.58 19.02 8.07
CA LEU A 195 -12.95 18.56 8.21
C LEU A 195 -13.60 18.35 6.84
N LYS A 196 -13.34 19.29 5.93
CA LYS A 196 -13.82 19.15 4.56
C LYS A 196 -13.22 17.92 3.89
N ALA A 197 -11.96 17.65 4.19
CA ALA A 197 -11.25 16.50 3.63
C ALA A 197 -11.90 15.19 4.03
N PHE A 198 -12.25 15.06 5.30
CA PHE A 198 -12.94 13.87 5.79
C PHE A 198 -14.33 13.76 5.20
N ILE A 199 -15.00 14.90 5.05
CA ILE A 199 -16.35 14.94 4.49
C ILE A 199 -16.41 14.37 3.07
N ILE A 200 -15.39 14.65 2.27
CA ILE A 200 -15.34 14.17 0.90
C ILE A 200 -14.54 12.87 0.74
N ALA A 201 -14.02 12.37 1.86
CA ALA A 201 -13.24 11.13 1.84
C ALA A 201 -14.14 9.93 1.63
N SER A 202 -15.18 9.82 2.46
CA SER A 202 -16.16 8.75 2.35
C SER A 202 -17.46 9.18 3.01
N GLU A 203 -18.56 8.51 2.65
CA GLU A 203 -19.86 8.81 3.25
C GLU A 203 -19.83 8.49 4.74
N THR A 204 -19.05 7.48 5.11
CA THR A 204 -18.93 7.07 6.51
C THR A 204 -18.23 8.16 7.32
N HIS A 205 -17.14 8.70 6.77
CA HIS A 205 -16.41 9.78 7.43
C HIS A 205 -17.27 11.02 7.57
N LYS A 206 -18.06 11.31 6.53
CA LYS A 206 -18.92 12.48 6.53
C LYS A 206 -19.97 12.41 7.65
N ASN A 207 -20.64 11.25 7.74
CA ASN A 207 -21.65 11.03 8.77
C ASN A 207 -21.07 11.20 10.17
N ASP A 208 -19.82 10.79 10.35
CA ASP A 208 -19.14 10.96 11.62
C ASP A 208 -18.89 12.43 11.92
N ILE A 209 -18.31 13.13 10.94
CA ILE A 209 -18.01 14.56 11.10
C ILE A 209 -19.27 15.39 11.34
N VAL A 210 -20.29 15.15 10.51
CA VAL A 210 -21.56 15.86 10.64
C VAL A 210 -22.19 15.65 12.02
N LYS A 211 -22.17 14.40 12.47
CA LYS A 211 -22.65 14.06 13.81
C LYS A 211 -21.87 14.83 14.86
N PHE A 212 -20.54 14.81 14.73
CA PHE A 212 -19.65 15.46 15.66
C PHE A 212 -19.85 16.98 15.70
N LEU A 213 -19.94 17.59 14.52
CA LEU A 213 -20.11 19.03 14.42
C LEU A 213 -21.46 19.50 14.96
N ARG A 214 -22.51 18.73 14.68
CA ARG A 214 -23.84 19.07 15.17
C ARG A 214 -23.96 18.91 16.68
N SER A 215 -23.03 18.16 17.27
CA SER A 215 -23.05 17.90 18.71
C SER A 215 -22.47 19.07 19.51
N ILE A 216 -21.81 20.00 18.83
CA ILE A 216 -21.17 21.11 19.51
C ILE A 216 -21.67 22.48 19.05
N ILE A 217 -22.70 22.49 18.20
CA ILE A 217 -23.28 23.74 17.73
C ILE A 217 -23.97 24.50 18.85
N GLU B 2 1.07 -22.28 6.46
CA GLU B 2 -0.07 -23.16 6.21
C GLU B 2 -0.14 -23.52 4.74
N ALA B 3 1.01 -23.47 4.07
CA ALA B 3 1.09 -23.83 2.66
C ALA B 3 1.99 -25.05 2.46
N SER B 4 1.36 -26.21 2.29
CA SER B 4 2.10 -27.46 2.16
C SER B 4 2.53 -27.73 0.72
N VAL B 5 3.78 -28.17 0.57
CA VAL B 5 4.32 -28.50 -0.75
C VAL B 5 4.79 -29.95 -0.77
N SER B 6 4.24 -30.73 -1.69
CA SER B 6 4.58 -32.14 -1.78
C SER B 6 4.67 -32.62 -3.24
N PHE B 7 5.39 -33.72 -3.44
CA PHE B 7 5.52 -34.31 -4.76
C PHE B 7 4.58 -35.51 -4.89
N GLU B 8 3.68 -35.45 -5.86
CA GLU B 8 2.70 -36.51 -6.05
C GLU B 8 2.48 -36.83 -7.53
N ASN B 9 2.67 -38.10 -7.87
CA ASN B 9 2.38 -38.61 -9.20
C ASN B 9 3.11 -37.89 -10.33
N GLY B 10 4.40 -37.63 -10.14
CA GLY B 10 5.21 -36.99 -11.16
C GLY B 10 5.03 -35.49 -11.23
N LYS B 11 4.27 -34.94 -10.28
CA LYS B 11 3.97 -33.51 -10.27
C LYS B 11 4.29 -32.87 -8.92
N ILE B 12 4.59 -31.57 -8.95
CA ILE B 12 4.72 -30.79 -7.74
C ILE B 12 3.34 -30.27 -7.35
N VAL B 13 2.90 -30.60 -6.15
CA VAL B 13 1.56 -30.24 -5.70
C VAL B 13 1.58 -29.32 -4.49
N VAL B 14 0.86 -28.21 -4.59
CA VAL B 14 0.76 -27.26 -3.49
C VAL B 14 -0.70 -27.14 -3.03
N ARG B 15 -0.91 -27.22 -1.72
CA ARG B 15 -2.25 -27.06 -1.15
C ARG B 15 -2.40 -25.70 -0.49
N LEU B 16 -3.37 -24.93 -0.95
CA LEU B 16 -3.52 -23.54 -0.56
C LEU B 16 -4.80 -23.27 0.22
N PRO B 17 -4.67 -22.69 1.43
CA PRO B 17 -5.84 -22.23 2.20
C PRO B 17 -6.43 -20.97 1.59
N ILE B 18 -7.74 -20.94 1.42
CA ILE B 18 -8.41 -19.84 0.73
C ILE B 18 -9.44 -19.13 1.61
N THR B 19 -9.29 -19.26 2.92
CA THR B 19 -10.19 -18.61 3.86
C THR B 19 -9.44 -17.68 4.80
N ARG B 20 -8.24 -17.27 4.38
CA ARG B 20 -7.46 -16.31 5.14
C ARG B 20 -7.12 -15.12 4.24
N PRO B 21 -8.05 -14.15 4.17
CA PRO B 21 -7.95 -13.01 3.25
C PRO B 21 -6.92 -11.98 3.71
N THR B 22 -6.30 -12.20 4.87
CA THR B 22 -5.28 -11.30 5.37
C THR B 22 -3.92 -11.97 5.45
N SER B 23 -3.83 -13.19 4.90
CA SER B 23 -2.57 -13.91 4.84
C SER B 23 -1.81 -13.52 3.59
N LYS B 24 -0.80 -14.32 3.25
CA LYS B 24 -0.06 -14.10 2.01
C LYS B 24 -0.74 -14.81 0.85
N ILE B 25 -1.82 -15.52 1.17
CA ILE B 25 -2.64 -16.18 0.15
C ILE B 25 -4.05 -15.62 0.21
N ARG B 26 -4.39 -14.77 -0.76
CA ARG B 26 -5.68 -14.10 -0.78
C ARG B 26 -6.43 -14.36 -2.08
N VAL B 27 -7.75 -14.48 -1.98
CA VAL B 27 -8.60 -14.65 -3.15
C VAL B 27 -9.10 -13.31 -3.64
N LYS B 28 -8.74 -12.95 -4.87
CA LYS B 28 -9.15 -11.67 -5.44
C LYS B 28 -9.84 -11.84 -6.78
N LYS B 29 -10.79 -10.94 -7.06
CA LYS B 29 -11.49 -10.94 -8.34
C LYS B 29 -10.94 -9.83 -9.23
N ILE B 30 -10.48 -10.19 -10.42
CA ILE B 30 -9.93 -9.22 -11.35
C ILE B 30 -11.00 -8.21 -11.76
N GLU B 31 -10.58 -6.96 -11.94
CA GLU B 31 -11.51 -5.88 -12.25
C GLU B 31 -10.75 -4.65 -12.73
N ASN B 32 -10.91 -4.34 -14.01
CA ASN B 32 -10.18 -3.24 -14.65
C ASN B 32 -8.67 -3.40 -14.51
N GLY B 33 -8.21 -4.65 -14.49
CA GLY B 33 -6.79 -4.94 -14.43
C GLY B 33 -6.26 -5.16 -13.02
N VAL B 34 -7.03 -4.72 -12.02
CA VAL B 34 -6.59 -4.81 -10.63
C VAL B 34 -7.44 -5.80 -9.84
N GLY B 35 -6.86 -6.36 -8.78
CA GLY B 35 -7.54 -7.36 -7.97
C GLY B 35 -8.39 -6.77 -6.85
N ILE B 36 -9.57 -7.34 -6.67
CA ILE B 36 -10.48 -6.92 -5.61
C ILE B 36 -10.75 -8.07 -4.65
N PRO B 37 -10.61 -7.81 -3.34
CA PRO B 37 -10.76 -8.83 -2.30
C PRO B 37 -12.12 -9.52 -2.31
N VAL B 38 -12.15 -10.79 -1.91
CA VAL B 38 -13.38 -11.58 -1.95
C VAL B 38 -13.61 -12.33 -0.64
N SER B 39 -14.80 -12.17 -0.07
CA SER B 39 -15.20 -12.95 1.09
C SER B 39 -15.69 -14.31 0.65
N THR B 40 -14.77 -15.27 0.61
CA THR B 40 -15.05 -16.60 0.07
C THR B 40 -16.10 -17.37 0.88
N ARG B 41 -16.27 -17.00 2.15
CA ARG B 41 -17.23 -17.68 3.01
C ARG B 41 -18.64 -17.12 2.87
N LYS B 42 -18.77 -15.99 2.18
CA LYS B 42 -20.06 -15.34 2.05
C LYS B 42 -20.50 -15.25 0.59
N LYS B 43 -19.56 -15.50 -0.32
CA LYS B 43 -19.85 -15.37 -1.75
C LYS B 43 -20.00 -16.70 -2.46
N SER B 44 -21.17 -16.89 -3.08
CA SER B 44 -21.39 -18.04 -3.94
C SER B 44 -20.68 -17.80 -5.26
N PHE B 45 -19.56 -18.50 -5.47
CA PHE B 45 -18.79 -18.37 -6.70
C PHE B 45 -19.66 -18.74 -7.90
N PRO B 46 -19.51 -17.99 -9.01
CA PRO B 46 -20.35 -18.16 -10.19
C PRO B 46 -20.24 -19.55 -10.80
N SER B 47 -21.39 -20.15 -11.11
CA SER B 47 -21.43 -21.42 -11.82
C SER B 47 -21.25 -21.16 -13.31
N ASP B 48 -21.18 -19.88 -13.65
CA ASP B 48 -20.99 -19.45 -15.04
C ASP B 48 -19.54 -19.62 -15.45
N GLU B 49 -19.18 -19.11 -16.61
CA GLU B 49 -17.80 -19.15 -17.08
C GLU B 49 -17.04 -17.90 -16.68
N ASN B 50 -17.59 -17.16 -15.72
CA ASN B 50 -16.95 -15.97 -15.19
C ASN B 50 -16.04 -16.30 -14.01
N LEU B 51 -15.83 -17.58 -13.75
CA LEU B 51 -14.97 -18.04 -12.68
C LEU B 51 -13.51 -17.82 -13.06
N ARG B 52 -13.27 -17.53 -14.33
CA ARG B 52 -11.93 -17.28 -14.84
C ARG B 52 -11.44 -15.88 -14.49
N ASP B 53 -12.27 -15.13 -13.77
CA ASP B 53 -11.88 -13.79 -13.33
C ASP B 53 -11.56 -13.77 -11.83
N TYR B 54 -11.63 -14.94 -11.21
CA TYR B 54 -11.27 -15.09 -9.80
C TYR B 54 -9.94 -15.81 -9.70
N TYR B 55 -9.00 -15.24 -8.96
CA TYR B 55 -7.64 -15.78 -8.84
CA TYR B 55 -7.70 -15.88 -8.82
C TYR B 55 -7.20 -15.91 -7.38
N ILE B 56 -6.14 -16.66 -7.17
CA ILE B 56 -5.52 -16.78 -5.85
C ILE B 56 -4.23 -15.97 -5.84
N GLU B 57 -4.22 -14.88 -5.08
CA GLU B 57 -3.02 -14.05 -4.97
C GLU B 57 -2.12 -14.57 -3.86
N TRP B 58 -0.94 -15.06 -4.25
CA TRP B 58 -0.03 -15.71 -3.32
C TRP B 58 1.32 -15.00 -3.32
N GLN B 59 1.60 -14.25 -2.26
CA GLN B 59 2.91 -13.63 -2.10
C GLN B 59 3.89 -14.69 -1.61
N ILE B 60 4.34 -15.52 -2.56
CA ILE B 60 5.13 -16.71 -2.27
C ILE B 60 6.43 -16.42 -1.53
N SER B 61 6.86 -17.38 -0.72
CA SER B 61 8.09 -17.26 0.06
C SER B 61 9.16 -18.18 -0.49
N TYR B 62 10.40 -18.01 -0.06
CA TYR B 62 11.47 -18.92 -0.45
C TYR B 62 12.56 -19.12 0.62
N ALA B 63 12.52 -18.33 1.67
CA ALA B 63 13.55 -18.42 2.70
C ALA B 63 12.98 -18.55 4.12
N ARG B 64 13.72 -19.26 4.97
CA ARG B 64 13.35 -19.47 6.37
C ARG B 64 14.53 -20.01 7.15
N ASP B 65 14.78 -19.41 8.32
CA ASP B 65 15.91 -19.80 9.17
C ASP B 65 17.25 -19.67 8.46
N GLY B 66 17.32 -18.76 7.49
CA GLY B 66 18.52 -18.58 6.71
C GLY B 66 18.82 -19.77 5.80
N LYS B 67 17.79 -20.59 5.56
CA LYS B 67 17.93 -21.76 4.72
C LYS B 67 16.83 -21.77 3.65
N TYR B 68 17.22 -22.04 2.41
CA TYR B 68 16.28 -21.98 1.31
C TYR B 68 15.60 -23.33 1.03
N ASP B 69 14.74 -23.74 1.94
CA ASP B 69 13.90 -24.92 1.73
C ASP B 69 12.50 -24.60 2.25
N TYR B 70 11.82 -23.71 1.55
CA TYR B 70 10.55 -23.17 2.01
C TYR B 70 9.72 -22.69 0.83
N GLU B 71 8.56 -23.31 0.63
CA GLU B 71 7.66 -22.99 -0.47
C GLU B 71 8.34 -23.05 -1.84
N LEU B 72 8.63 -21.90 -2.43
CA LEU B 72 9.23 -21.85 -3.76
C LEU B 72 10.55 -22.59 -3.84
N SER B 73 11.41 -22.39 -2.84
CA SER B 73 12.73 -23.02 -2.81
C SER B 73 12.61 -24.54 -2.73
N ARG B 74 11.66 -25.02 -1.93
CA ARG B 74 11.41 -26.46 -1.84
C ARG B 74 10.85 -27.01 -3.14
N MET B 75 9.93 -26.24 -3.74
CA MET B 75 9.34 -26.61 -5.03
C MET B 75 10.42 -26.84 -6.09
N VAL B 76 11.39 -25.94 -6.12
CA VAL B 76 12.48 -26.02 -7.07
C VAL B 76 13.39 -27.22 -6.79
N ARG B 77 13.68 -27.45 -5.53
CA ARG B 77 14.52 -28.58 -5.12
C ARG B 77 13.91 -29.91 -5.56
N LEU B 78 12.63 -30.09 -5.24
CA LEU B 78 11.92 -31.32 -5.59
C LEU B 78 11.84 -31.53 -7.09
N ALA B 79 11.62 -30.43 -7.82
CA ALA B 79 11.53 -30.48 -9.27
C ALA B 79 12.83 -30.93 -9.89
N HIS B 80 13.95 -30.41 -9.38
CA HIS B 80 15.26 -30.76 -9.88
C HIS B 80 15.66 -32.18 -9.47
N GLU B 81 15.39 -32.51 -8.22
CA GLU B 81 15.72 -33.83 -7.68
C GLU B 81 15.01 -34.93 -8.45
N HIS B 82 13.75 -34.70 -8.79
CA HIS B 82 12.94 -35.71 -9.45
C HIS B 82 12.96 -35.55 -10.98
N GLY B 83 13.91 -34.77 -11.47
CA GLY B 83 14.14 -34.64 -12.90
C GLY B 83 13.06 -33.92 -13.66
N ILE B 84 12.48 -32.88 -13.06
CA ILE B 84 11.51 -32.04 -13.75
C ILE B 84 12.19 -30.74 -14.15
N LEU B 85 13.11 -30.30 -13.31
CA LEU B 85 13.91 -29.11 -13.59
C LEU B 85 15.35 -29.54 -13.85
N THR B 86 15.78 -29.50 -15.10
CA THR B 86 17.09 -30.02 -15.49
C THR B 86 18.21 -29.04 -15.17
N TYR B 87 19.44 -29.48 -15.37
CA TYR B 87 20.61 -28.64 -15.19
C TYR B 87 20.64 -27.52 -16.23
N ASN B 88 20.22 -27.87 -17.45
CA ASN B 88 20.15 -26.88 -18.53
C ASN B 88 19.13 -25.79 -18.25
N ASP B 89 18.11 -26.12 -17.45
CA ASP B 89 17.12 -25.14 -17.03
C ASP B 89 17.76 -24.15 -16.07
N ILE B 90 18.58 -24.65 -15.15
CA ILE B 90 19.22 -23.82 -14.15
C ILE B 90 20.32 -22.95 -14.75
N TYR B 91 21.09 -23.53 -15.67
CA TYR B 91 22.10 -22.76 -16.39
C TYR B 91 21.43 -21.60 -17.13
N GLU B 92 20.30 -21.92 -17.75
CA GLU B 92 19.52 -20.95 -18.51
C GLU B 92 19.06 -19.80 -17.62
N LEU B 93 18.74 -20.12 -16.37
CA LEU B 93 18.29 -19.12 -15.41
C LEU B 93 19.47 -18.31 -14.86
N LEU B 94 20.57 -19.00 -14.58
CA LEU B 94 21.77 -18.33 -14.07
C LEU B 94 22.38 -17.42 -15.13
N LYS B 95 22.34 -17.86 -16.37
CA LYS B 95 22.83 -17.04 -17.48
C LYS B 95 21.94 -15.80 -17.63
N PHE B 96 20.64 -16.00 -17.43
CA PHE B 96 19.67 -14.91 -17.50
C PHE B 96 19.92 -13.87 -16.42
N ALA B 97 20.22 -14.34 -15.22
CA ALA B 97 20.51 -13.45 -14.09
C ALA B 97 21.76 -12.62 -14.33
N ASP B 98 22.71 -13.21 -15.05
CA ASP B 98 23.99 -12.56 -15.32
C ASP B 98 23.81 -11.40 -16.30
N ASP B 99 22.72 -11.43 -17.05
CA ASP B 99 22.46 -10.41 -18.07
C ASP B 99 21.55 -9.29 -17.56
N VAL B 100 21.17 -9.36 -16.29
CA VAL B 100 20.28 -8.36 -15.71
C VAL B 100 21.05 -7.23 -15.06
N LYS B 101 20.88 -6.02 -15.60
CA LYS B 101 21.58 -4.84 -15.09
C LYS B 101 20.62 -3.85 -14.43
N SER B 102 19.33 -3.99 -14.74
CA SER B 102 18.32 -3.11 -14.18
C SER B 102 17.20 -3.93 -13.54
N TYR B 103 16.55 -3.35 -12.54
CA TYR B 103 15.50 -4.05 -11.81
C TYR B 103 14.24 -3.21 -11.74
N LEU B 104 13.12 -3.83 -11.39
CA LEU B 104 11.85 -3.12 -11.26
C LEU B 104 11.94 -2.07 -10.15
N GLU B 105 12.63 -2.43 -9.08
CA GLU B 105 12.78 -1.54 -7.93
C GLU B 105 13.47 -0.23 -8.31
N ASP B 106 14.19 -0.26 -9.43
CA ASP B 106 14.87 0.92 -9.96
C ASP B 106 13.88 1.90 -10.59
N LYS B 107 12.71 1.41 -10.99
CA LYS B 107 11.67 2.28 -11.53
C LYS B 107 11.14 3.20 -10.43
N GLY B 108 10.56 4.32 -10.84
CA GLY B 108 10.15 5.34 -9.89
C GLY B 108 8.65 5.50 -9.69
N ILE B 109 8.28 5.88 -8.47
CA ILE B 109 6.90 6.20 -8.15
C ILE B 109 6.67 7.69 -8.40
N ARG B 110 5.55 8.01 -9.04
CA ARG B 110 5.23 9.40 -9.35
C ARG B 110 3.78 9.76 -9.05
N ARG B 111 3.54 11.05 -8.85
CA ARG B 111 2.20 11.56 -8.61
C ARG B 111 1.80 12.50 -9.73
N GLU B 112 0.93 12.02 -10.61
CA GLU B 112 0.50 12.80 -11.77
C GLU B 112 -0.69 13.69 -11.44
N SER B 113 -0.77 14.83 -12.12
CA SER B 113 -1.87 15.77 -11.93
C SER B 113 -2.97 15.53 -12.96
N THR B 114 -4.17 15.98 -12.65
CA THR B 114 -5.29 15.89 -13.57
C THR B 114 -5.99 17.23 -13.67
N ASN B 115 -6.93 17.35 -14.60
CA ASN B 115 -7.75 18.55 -14.72
C ASN B 115 -9.09 18.34 -14.04
N GLU B 116 -9.14 17.32 -13.18
CA GLU B 116 -10.37 16.97 -12.48
C GLU B 116 -10.31 17.46 -11.03
N GLU B 117 -11.46 17.86 -10.50
CA GLU B 117 -11.55 18.32 -9.12
C GLU B 117 -12.60 17.56 -8.34
N LEU B 118 -12.64 17.79 -7.03
CA LEU B 118 -13.62 17.17 -6.16
C LEU B 118 -13.94 18.10 -4.99
N TYR B 119 -14.99 18.90 -5.15
CA TYR B 119 -15.41 19.87 -4.14
C TYR B 119 -14.26 20.77 -3.66
N GLY B 120 -13.55 21.36 -4.61
CA GLY B 120 -12.47 22.29 -4.28
C GLY B 120 -11.12 21.62 -4.24
N PHE B 121 -11.09 20.34 -3.91
CA PHE B 121 -9.85 19.58 -3.85
C PHE B 121 -9.38 19.16 -5.24
N ASN B 122 -8.08 19.28 -5.49
CA ASN B 122 -7.51 18.87 -6.76
C ASN B 122 -7.23 17.38 -6.81
N ILE B 123 -7.67 16.73 -7.88
CA ILE B 123 -7.48 15.30 -8.03
C ILE B 123 -6.10 14.97 -8.62
N TYR B 124 -5.40 14.07 -7.94
CA TYR B 124 -4.11 13.57 -8.43
C TYR B 124 -4.15 12.06 -8.56
N GLU B 125 -3.11 11.50 -9.17
CA GLU B 125 -3.01 10.06 -9.33
C GLU B 125 -1.62 9.56 -8.96
N ASP B 126 -1.55 8.72 -7.93
CA ASP B 126 -0.30 8.06 -7.57
C ASP B 126 -0.08 6.84 -8.46
N VAL B 127 1.06 6.80 -9.13
CA VAL B 127 1.34 5.76 -10.10
C VAL B 127 2.51 4.87 -9.68
N TYR B 128 2.22 3.60 -9.41
CA TYR B 128 3.23 2.64 -9.02
C TYR B 128 3.53 1.69 -10.18
N PRO B 129 4.81 1.41 -10.43
CA PRO B 129 5.22 0.55 -11.55
C PRO B 129 4.94 -0.92 -11.29
N VAL B 130 4.54 -1.65 -12.34
CA VAL B 130 4.22 -3.06 -12.24
C VAL B 130 4.83 -3.85 -13.39
N ALA B 131 5.45 -4.98 -13.08
CA ALA B 131 5.93 -5.90 -14.09
C ALA B 131 5.10 -7.17 -14.06
N LYS B 132 4.56 -7.57 -15.22
CA LYS B 132 3.66 -8.71 -15.26
C LYS B 132 4.01 -9.69 -16.38
N LYS B 133 3.76 -10.96 -16.12
CA LYS B 133 4.00 -12.01 -17.11
C LYS B 133 2.92 -13.07 -17.01
N GLU B 134 2.24 -13.33 -18.14
CA GLU B 134 1.09 -14.24 -18.14
C GLU B 134 1.38 -15.54 -18.88
N LEU B 135 1.24 -16.66 -18.16
CA LEU B 135 1.37 -17.98 -18.76
C LEU B 135 0.11 -18.29 -19.57
N PRO B 136 0.26 -19.05 -20.67
CA PRO B 136 -0.89 -19.40 -21.51
C PRO B 136 -1.83 -20.36 -20.80
N SER B 137 -1.36 -20.97 -19.72
CA SER B 137 -2.16 -21.92 -18.95
C SER B 137 -3.24 -21.19 -18.16
N GLY B 138 -3.01 -19.91 -17.89
CA GLY B 138 -3.98 -19.10 -17.18
C GLY B 138 -3.36 -18.27 -16.06
N GLU B 139 -2.34 -18.83 -15.41
CA GLU B 139 -1.69 -18.14 -14.31
C GLU B 139 -0.88 -16.95 -14.82
N PHE B 140 -0.68 -15.96 -13.96
CA PHE B 140 0.22 -14.85 -14.27
C PHE B 140 1.01 -14.43 -13.05
N ILE B 141 2.17 -13.83 -13.29
CA ILE B 141 3.04 -13.38 -12.20
C ILE B 141 3.16 -11.86 -12.21
N GLY B 142 2.95 -11.25 -11.06
CA GLY B 142 3.05 -9.80 -10.95
C GLY B 142 4.16 -9.36 -10.00
N ILE B 143 4.92 -8.36 -10.43
CA ILE B 143 5.93 -7.75 -9.58
C ILE B 143 5.54 -6.30 -9.34
N VAL B 144 5.14 -6.00 -8.11
CA VAL B 144 4.58 -4.69 -7.79
C VAL B 144 5.43 -3.92 -6.79
N LEU B 145 5.77 -2.69 -7.15
CA LEU B 145 6.48 -1.80 -6.23
C LEU B 145 5.47 -1.13 -5.30
N LYS B 146 5.53 -1.50 -4.02
CA LYS B 146 4.67 -0.87 -3.02
C LYS B 146 5.37 -0.83 -1.67
N HIS B 147 4.74 -0.18 -0.70
CA HIS B 147 5.32 -0.01 0.63
C HIS B 147 5.38 -1.33 1.38
N ALA B 148 6.44 -1.50 2.16
CA ALA B 148 6.57 -2.69 3.00
C ALA B 148 5.47 -2.69 4.06
N GLN B 149 5.00 -3.87 4.42
CA GLN B 149 3.90 -4.00 5.37
C GLN B 149 4.26 -3.44 6.74
N ARG B 150 5.42 -3.83 7.25
CA ARG B 150 5.85 -3.41 8.59
C ARG B 150 7.10 -2.54 8.57
N ALA B 151 7.98 -2.74 7.60
CA ALA B 151 9.23 -1.99 7.52
C ALA B 151 9.02 -0.60 6.94
N VAL B 152 10.14 0.09 6.68
CA VAL B 152 10.09 1.44 6.15
C VAL B 152 10.50 1.46 4.68
N GLY B 153 9.71 2.14 3.86
CA GLY B 153 10.05 2.31 2.46
C GLY B 153 9.34 1.35 1.52
N TYR B 154 9.69 1.45 0.24
CA TYR B 154 9.05 0.64 -0.79
C TYR B 154 9.99 -0.45 -1.29
N GLN B 155 9.41 -1.59 -1.65
CA GLN B 155 10.19 -2.69 -2.23
C GLN B 155 9.33 -3.52 -3.19
N SER B 156 9.98 -4.26 -4.07
CA SER B 156 9.28 -5.08 -5.05
C SER B 156 8.57 -6.26 -4.41
N MET B 157 7.28 -6.40 -4.70
CA MET B 157 6.51 -7.52 -4.20
C MET B 157 6.19 -8.50 -5.33
N VAL B 158 6.48 -9.78 -5.10
CA VAL B 158 6.20 -10.80 -6.09
C VAL B 158 4.97 -11.61 -5.72
N TYR B 159 3.96 -11.59 -6.59
CA TYR B 159 2.73 -12.33 -6.37
C TYR B 159 2.55 -13.42 -7.43
N VAL B 160 2.10 -14.59 -6.99
CA VAL B 160 1.73 -15.66 -7.90
C VAL B 160 0.22 -15.72 -7.98
N CYS B 161 -0.33 -15.44 -9.16
CA CYS B 161 -1.77 -15.39 -9.34
C CYS B 161 -2.31 -16.62 -10.07
N ILE B 162 -3.10 -17.42 -9.35
CA ILE B 162 -3.64 -18.66 -9.88
C ILE B 162 -5.16 -18.61 -9.96
N PRO B 163 -5.70 -18.70 -11.18
CA PRO B 163 -7.16 -18.73 -11.38
C PRO B 163 -7.77 -19.96 -10.73
N LEU B 164 -8.95 -19.80 -10.12
CA LEU B 164 -9.62 -20.90 -9.43
C LEU B 164 -10.00 -22.04 -10.37
N THR B 165 -10.05 -21.75 -11.65
CA THR B 165 -10.38 -22.76 -12.66
C THR B 165 -9.22 -23.72 -12.88
N ASN B 166 -8.10 -23.47 -12.22
CA ASN B 166 -6.92 -24.30 -12.37
C ASN B 166 -6.63 -25.15 -11.13
N VAL B 167 -7.48 -25.04 -10.12
CA VAL B 167 -7.29 -25.80 -8.89
C VAL B 167 -8.45 -26.76 -8.63
N GLU B 168 -8.22 -27.74 -7.75
CA GLU B 168 -9.25 -28.68 -7.35
C GLU B 168 -9.47 -28.61 -5.85
N PRO B 169 -10.74 -28.71 -5.42
CA PRO B 169 -11.93 -28.92 -6.25
C PRO B 169 -12.43 -27.63 -6.88
N SER B 170 -13.43 -27.74 -7.74
CA SER B 170 -14.04 -26.56 -8.37
C SER B 170 -15.04 -25.93 -7.40
N LEU B 171 -14.80 -24.67 -7.07
CA LEU B 171 -15.67 -23.95 -6.13
C LEU B 171 -16.87 -23.32 -6.83
N ALA B 172 -17.08 -23.70 -8.09
CA ALA B 172 -18.17 -23.15 -8.87
C ALA B 172 -19.53 -23.49 -8.26
N GLY B 173 -20.36 -22.46 -8.06
CA GLY B 173 -21.70 -22.65 -7.56
C GLY B 173 -21.87 -22.45 -6.07
N ARG B 174 -20.82 -22.75 -5.30
CA ARG B 174 -20.90 -22.70 -3.85
C ARG B 174 -19.97 -21.65 -3.24
N VAL B 175 -20.03 -21.53 -1.92
CA VAL B 175 -19.10 -20.70 -1.19
C VAL B 175 -18.01 -21.59 -0.60
N ALA B 176 -16.92 -20.99 -0.14
CA ALA B 176 -15.84 -21.76 0.45
C ALA B 176 -16.27 -22.41 1.76
N ARG B 177 -15.58 -23.47 2.15
CA ARG B 177 -15.88 -24.16 3.39
C ARG B 177 -14.95 -23.72 4.51
N ARG B 178 -15.31 -24.07 5.74
CA ARG B 178 -14.53 -23.70 6.93
C ARG B 178 -13.12 -24.25 6.83
N ASN B 179 -12.15 -23.33 6.72
CA ASN B 179 -10.74 -23.69 6.54
C ASN B 179 -10.49 -24.54 5.30
N GLU B 180 -11.25 -24.29 4.24
CA GLU B 180 -11.12 -25.07 3.01
C GLU B 180 -9.77 -24.84 2.35
N VAL B 181 -9.18 -25.93 1.83
CA VAL B 181 -7.90 -25.87 1.15
C VAL B 181 -8.01 -26.47 -0.24
N VAL B 182 -7.53 -25.74 -1.25
CA VAL B 182 -7.56 -26.23 -2.61
C VAL B 182 -6.22 -26.87 -2.99
N LYS B 183 -6.24 -27.66 -4.07
CA LYS B 183 -5.05 -28.37 -4.52
C LYS B 183 -4.63 -27.91 -5.90
N TYR B 184 -3.35 -27.61 -6.06
CA TYR B 184 -2.84 -27.07 -7.32
C TYR B 184 -1.51 -27.70 -7.73
N GLU B 185 -1.50 -28.34 -8.90
CA GLU B 185 -0.27 -28.90 -9.44
C GLU B 185 0.52 -27.82 -10.19
N VAL B 186 1.79 -27.67 -9.86
CA VAL B 186 2.58 -26.56 -10.37
C VAL B 186 3.35 -26.90 -11.65
N PRO B 187 3.07 -26.15 -12.72
CA PRO B 187 3.80 -26.26 -13.99
C PRO B 187 5.25 -25.83 -13.82
N VAL B 188 6.14 -26.39 -14.62
CA VAL B 188 7.55 -26.04 -14.53
C VAL B 188 7.77 -24.60 -14.97
N ASP B 189 7.03 -24.20 -16.00
CA ASP B 189 7.15 -22.86 -16.56
C ASP B 189 6.79 -21.79 -15.53
N LEU B 190 5.85 -22.12 -14.65
CA LEU B 190 5.47 -21.22 -13.56
C LEU B 190 6.63 -21.10 -12.59
N MET B 191 7.27 -22.24 -12.29
CA MET B 191 8.41 -22.26 -11.38
C MET B 191 9.59 -21.50 -11.98
N LYS B 192 9.79 -21.66 -13.28
CA LYS B 192 10.91 -21.01 -13.97
C LYS B 192 10.72 -19.50 -14.08
N GLU B 193 9.52 -19.08 -14.47
CA GLU B 193 9.22 -17.65 -14.62
C GLU B 193 9.16 -16.96 -13.26
N LEU B 194 8.83 -17.72 -12.22
CA LEU B 194 8.81 -17.18 -10.87
C LEU B 194 10.20 -16.78 -10.42
N LEU B 195 11.18 -17.61 -10.77
CA LEU B 195 12.57 -17.35 -10.42
C LEU B 195 13.10 -16.12 -11.17
N LYS B 196 12.71 -16.00 -12.43
CA LYS B 196 13.08 -14.82 -13.23
C LYS B 196 12.52 -13.55 -12.61
N ALA B 197 11.30 -13.65 -12.09
CA ALA B 197 10.62 -12.51 -11.48
C ALA B 197 11.42 -11.97 -10.31
N PHE B 198 11.86 -12.85 -9.43
CA PHE B 198 12.71 -12.45 -8.31
C PHE B 198 14.04 -11.89 -8.81
N ILE B 199 14.61 -12.53 -9.83
CA ILE B 199 15.87 -12.09 -10.41
C ILE B 199 15.83 -10.63 -10.87
N ILE B 200 14.69 -10.21 -11.42
CA ILE B 200 14.56 -8.85 -11.91
C ILE B 200 13.84 -7.92 -10.93
N ALA B 201 13.33 -8.49 -9.83
CA ALA B 201 12.63 -7.71 -8.83
C ALA B 201 13.56 -6.70 -8.14
N SER B 202 14.73 -7.18 -7.75
CA SER B 202 15.76 -6.34 -7.14
C SER B 202 17.10 -7.06 -7.16
N GLU B 203 18.17 -6.30 -6.97
CA GLU B 203 19.52 -6.88 -6.96
C GLU B 203 19.69 -7.84 -5.78
N THR B 204 19.00 -7.53 -4.68
CA THR B 204 19.08 -8.35 -3.47
C THR B 204 18.40 -9.71 -3.70
N HIS B 205 17.22 -9.70 -4.31
CA HIS B 205 16.54 -10.93 -4.65
C HIS B 205 17.36 -11.81 -5.60
N LYS B 206 18.03 -11.17 -6.57
CA LYS B 206 18.84 -11.90 -7.55
C LYS B 206 19.97 -12.69 -6.89
N ASN B 207 20.69 -12.04 -5.99
CA ASN B 207 21.79 -12.68 -5.25
C ASN B 207 21.29 -13.88 -4.44
N ASP B 208 20.09 -13.74 -3.90
CA ASP B 208 19.42 -14.83 -3.16
C ASP B 208 19.16 -16.03 -4.08
N ILE B 209 18.46 -15.78 -5.20
CA ILE B 209 18.13 -16.79 -6.21
C ILE B 209 19.38 -17.43 -6.82
N VAL B 210 20.38 -16.62 -7.14
CA VAL B 210 21.62 -17.11 -7.71
C VAL B 210 22.35 -18.04 -6.73
N LYS B 211 22.52 -17.60 -5.50
CA LYS B 211 23.16 -18.44 -4.47
C LYS B 211 22.38 -19.74 -4.27
N PHE B 212 21.05 -19.63 -4.31
CA PHE B 212 20.18 -20.77 -4.12
C PHE B 212 20.32 -21.80 -5.25
N LEU B 213 20.23 -21.33 -6.49
CA LEU B 213 20.30 -22.22 -7.64
C LEU B 213 21.66 -22.91 -7.75
N ARG B 214 22.72 -22.21 -7.39
CA ARG B 214 24.07 -22.76 -7.42
C ARG B 214 24.22 -23.90 -6.42
N SER B 215 23.62 -23.75 -5.24
CA SER B 215 23.69 -24.76 -4.19
C SER B 215 22.99 -26.03 -4.60
N ILE B 216 22.00 -25.90 -5.48
CA ILE B 216 21.22 -27.04 -5.95
C ILE B 216 22.02 -27.97 -6.86
N ILE B 217 22.79 -27.37 -7.77
CA ILE B 217 23.58 -28.12 -8.74
C ILE B 217 24.53 -29.13 -8.09
N GLY B 218 25.21 -28.70 -7.03
CA GLY B 218 26.14 -29.56 -6.33
C GLY B 218 25.47 -30.74 -5.65
C1 ORP C 11 13.77 -12.19 1.53
O1 ORP C 11 15.01 -11.56 1.51
C2 ORP C 11 12.82 -11.34 2.32
C3 ORP C 11 12.83 -12.06 3.61
O3 ORP C 11 13.60 -11.38 4.51
C4 ORP C 11 13.41 -13.40 3.39
O4 ORP C 11 13.89 -13.44 2.11
C5 ORP C 11 12.37 -14.47 3.59
O5 ORP C 11 11.13 -13.97 3.23
P ORP C 11 10.01 -14.98 2.80
O1P ORP C 11 10.53 -16.09 1.93
O2P ORP C 11 9.12 -15.44 3.93
C1 ORP D 11 -13.51 5.89 12.59
O1 ORP D 11 -14.87 5.60 12.63
C2 ORP D 11 -12.80 4.76 11.91
C3 ORP D 11 -11.88 4.33 12.97
O3 ORP D 11 -12.35 3.17 13.55
C4 ORP D 11 -11.83 5.40 13.99
O4 ORP D 11 -13.03 6.06 13.88
C5 ORP D 11 -10.72 6.36 13.70
O5 ORP D 11 -9.65 6.13 14.55
P ORP D 11 -8.61 7.28 14.69
O1P ORP D 11 -9.27 8.63 14.87
O2P ORP D 11 -7.50 7.01 15.68
N9 ADE E . -10.07 7.71 10.08
C8 ADE E . -9.78 8.56 11.11
N7 ADE E . -8.77 9.35 10.87
C5 ADE E . -8.36 9.00 9.60
C6 ADE E . -7.33 9.47 8.76
N6 ADE E . -6.48 10.44 9.11
N1 ADE E . -7.20 8.90 7.55
C2 ADE E . -8.05 7.93 7.20
N3 ADE E . -9.06 7.41 7.89
C4 ADE E . -9.16 7.99 9.10
N9 ADE F . 10.78 -12.00 -0.73
C8 ADE F . 10.55 -13.35 -0.75
N7 ADE F . 9.43 -13.70 -1.32
C5 ADE F . 8.88 -12.50 -1.72
C6 ADE F . 7.67 -12.18 -2.39
N6 ADE F . 6.79 -13.10 -2.78
N1 ADE F . 7.42 -10.88 -2.64
C2 ADE F . 8.31 -9.96 -2.23
N3 ADE F . 9.47 -10.14 -1.60
C4 ADE F . 9.69 -11.44 -1.37
#